data_5WLB
#
_entry.id   5WLB
#
_cell.length_a   38.145
_cell.length_b   86.843
_cell.length_c   71.038
_cell.angle_alpha   90.00
_cell.angle_beta   103.57
_cell.angle_gamma   90.00
#
_symmetry.space_group_name_H-M   'P 1 21 1'
#
loop_
_entity.id
_entity.type
_entity.pdbx_description
1 polymer 'GTPase KRas'
2 polymer '225-15 a'
3 polymer '225-15 b'
4 non-polymer 'PHOSPHOAMINOPHOSPHONIC ACID-GUANYLATE ESTER'
5 non-polymer 'MAGNESIUM ION'
6 non-polymer 'TETRAETHYLENE GLYCOL'
7 non-polymer 'SULFATE ION'
8 water water
#
loop_
_entity_poly.entity_id
_entity_poly.type
_entity_poly.pdbx_seq_one_letter_code
_entity_poly.pdbx_strand_id
1 'polypeptide(L)'
;MTEYKLVVVGAVGVGKSALTIQLIQNHFVDEYDPTIEDSYRKQVVIDGETCLLDILDTAGQEEYSAMRDQYMRTGEGFLC
VFAINNTKSFEDIHHYREQIKRVKDSEDVPMVLVGNKCDLPSRTVDTKQAQDLARSYGIPFIETSAKTRQGVDDAFYTLV
REIRKH
;
A,D
2 'polypeptide(L)' SGPRRPRUPGDQASLEELHEYWARLWNYLYRVAH B,E
3 'polypeptide(L)' GGGPRRPRUPGDNASIKQLHAYWQRLYAYLAAVA C,F
#
loop_
_chem_comp.id
_chem_comp.type
_chem_comp.name
_chem_comp.formula
GNP non-polymer 'PHOSPHOAMINOPHOSPHONIC ACID-GUANYLATE ESTER' 'C10 H17 N6 O13 P3'
MG non-polymer 'MAGNESIUM ION' 'Mg 2'
PG4 non-polymer 'TETRAETHYLENE GLYCOL' 'C8 H18 O5'
SO4 non-polymer 'SULFATE ION' 'O4 S -2'
#
# COMPACT_ATOMS: atom_id res chain seq x y z
N MET A 1 22.30 16.84 20.96
CA MET A 1 21.79 16.96 19.60
C MET A 1 21.21 15.64 19.09
N THR A 2 19.89 15.52 19.19
CA THR A 2 19.17 14.34 18.76
C THR A 2 18.95 14.31 17.24
N GLU A 3 19.11 13.13 16.65
CA GLU A 3 18.86 12.89 15.23
C GLU A 3 17.42 12.50 15.00
N TYR A 4 16.80 13.06 13.97
CA TYR A 4 15.46 12.62 13.55
C TYR A 4 15.47 12.23 12.09
N LYS A 5 14.86 11.10 11.77
CA LYS A 5 14.73 10.68 10.37
C LYS A 5 13.31 10.91 9.92
N LEU A 6 13.12 11.82 8.97
CA LEU A 6 11.79 12.24 8.55
C LEU A 6 11.59 11.84 7.12
N VAL A 7 10.36 11.46 6.77
CA VAL A 7 10.10 10.99 5.43
C VAL A 7 8.95 11.82 4.88
N VAL A 8 9.05 12.21 3.61
CA VAL A 8 7.99 12.99 2.98
C VAL A 8 7.30 12.15 1.90
N VAL A 9 5.98 11.97 2.01
CA VAL A 9 5.25 11.16 1.05
C VAL A 9 4.06 11.90 0.49
N GLY A 10 3.53 11.39 -0.63
CA GLY A 10 2.32 11.94 -1.22
C GLY A 10 2.32 11.80 -2.73
N ALA A 11 1.18 12.13 -3.35
CA ALA A 11 0.98 11.91 -4.79
C ALA A 11 1.97 12.65 -5.69
N VAL A 12 2.03 12.24 -6.96
CA VAL A 12 2.90 12.91 -7.93
C VAL A 12 2.58 14.40 -8.02
N GLY A 13 3.63 15.23 -7.91
CA GLY A 13 3.52 16.67 -8.12
C GLY A 13 2.91 17.50 -7.00
N VAL A 14 2.75 16.93 -5.80
CA VAL A 14 2.14 17.68 -4.70
C VAL A 14 3.15 18.70 -4.12
N GLY A 15 4.44 18.45 -4.36
CA GLY A 15 5.46 19.38 -3.89
C GLY A 15 6.40 18.83 -2.84
N LYS A 16 6.46 17.50 -2.70
CA LYS A 16 7.38 16.88 -1.74
C LYS A 16 8.82 17.39 -1.89
N SER A 17 9.33 17.38 -3.11
CA SER A 17 10.70 17.80 -3.38
C SER A 17 10.86 19.29 -3.16
N ALA A 18 9.85 20.06 -3.54
CA ALA A 18 9.93 21.51 -3.35
C ALA A 18 9.95 21.87 -1.85
N LEU A 19 9.19 21.13 -1.06
CA LEU A 19 9.17 21.36 0.40
C LEU A 19 10.54 21.04 1.04
N THR A 20 11.11 19.92 0.61
CA THR A 20 12.42 19.49 1.13
C THR A 20 13.49 20.54 0.78
N ILE A 21 13.51 20.94 -0.49
CA ILE A 21 14.49 21.92 -0.96
C ILE A 21 14.33 23.27 -0.26
N GLN A 22 13.08 23.69 -0.07
CA GLN A 22 12.83 24.90 0.69
C GLN A 22 13.34 24.76 2.14
N LEU A 23 13.17 23.59 2.77
CA LEU A 23 13.66 23.39 4.15
C LEU A 23 15.17 23.46 4.22
N ILE A 24 15.84 22.81 3.27
CA ILE A 24 17.28 22.58 3.38
C ILE A 24 18.04 23.74 2.76
N GLN A 25 17.63 24.13 1.54
CA GLN A 25 18.38 25.08 0.73
C GLN A 25 17.75 26.47 0.68
N ASN A 26 16.52 26.58 1.17
CA ASN A 26 15.89 27.89 1.32
C ASN A 26 15.64 28.58 -0.02
N HIS A 27 15.28 27.80 -1.03
CA HIS A 27 14.76 28.42 -2.24
C HIS A 27 13.77 27.54 -2.97
N PHE A 28 13.14 28.19 -3.95
CA PHE A 28 12.08 27.61 -4.76
C PHE A 28 12.32 28.08 -6.18
N VAL A 29 12.30 27.15 -7.12
CA VAL A 29 12.22 27.52 -8.53
C VAL A 29 11.10 26.71 -9.16
N ASP A 30 10.52 27.23 -10.24
CA ASP A 30 9.55 26.45 -10.99
C ASP A 30 10.00 26.29 -12.43
N ASP A 38 22.70 18.64 -3.91
CA ASP A 38 21.95 17.80 -2.99
C ASP A 38 22.51 17.85 -1.56
N SER A 39 21.58 18.06 -0.64
CA SER A 39 21.75 17.78 0.77
C SER A 39 20.35 17.40 1.24
N TYR A 40 20.27 16.42 2.14
CA TYR A 40 18.99 16.05 2.70
C TYR A 40 19.06 16.14 4.22
N ARG A 41 19.93 17.00 4.72
CA ARG A 41 20.14 17.10 6.18
C ARG A 41 20.15 18.56 6.63
N LYS A 42 19.60 18.83 7.82
CA LYS A 42 19.59 20.19 8.33
C LYS A 42 19.65 20.22 9.85
N GLN A 43 20.47 21.12 10.38
CA GLN A 43 20.50 21.34 11.82
C GLN A 43 19.52 22.43 12.16
N VAL A 44 18.65 22.18 13.13
CA VAL A 44 17.63 23.17 13.48
C VAL A 44 17.56 23.30 14.97
N VAL A 45 16.87 24.32 15.44
CA VAL A 45 16.70 24.48 16.88
C VAL A 45 15.22 24.53 17.15
N ILE A 46 14.67 23.43 17.66
CA ILE A 46 13.24 23.38 17.89
C ILE A 46 12.93 23.54 19.37
N ASP A 47 12.14 24.56 19.68
CA ASP A 47 11.76 24.86 21.06
C ASP A 47 13.01 24.92 21.97
N GLY A 48 14.08 25.51 21.43
CA GLY A 48 15.31 25.68 22.18
C GLY A 48 16.27 24.48 22.14
N GLU A 49 15.83 23.38 21.54
CA GLU A 49 16.64 22.16 21.46
C GLU A 49 17.28 21.97 20.08
N THR A 50 18.59 21.76 20.03
CA THR A 50 19.23 21.53 18.72
C THR A 50 18.94 20.09 18.23
N CYS A 51 18.43 19.99 17.00
CA CYS A 51 17.95 18.75 16.37
C CYS A 51 18.67 18.61 15.04
N LEU A 52 19.01 17.38 14.65
CA LEU A 52 19.54 17.12 13.32
C LEU A 52 18.51 16.36 12.51
N LEU A 53 18.07 16.91 11.38
CA LEU A 53 17.03 16.29 10.59
C LEU A 53 17.60 15.67 9.32
N ASP A 54 17.36 14.38 9.08
CA ASP A 54 17.63 13.80 7.75
C ASP A 54 16.29 13.60 7.08
N ILE A 55 16.18 13.95 5.80
CA ILE A 55 14.87 13.85 5.12
C ILE A 55 14.94 12.88 3.96
N LEU A 56 13.99 11.94 3.91
CA LEU A 56 13.83 11.09 2.76
C LEU A 56 12.69 11.61 1.90
N ASP A 57 13.04 12.02 0.70
CA ASP A 57 12.10 12.62 -0.25
C ASP A 57 11.66 11.55 -1.26
N THR A 58 10.51 10.94 -1.00
CA THR A 58 10.07 9.78 -1.78
C THR A 58 9.41 10.13 -3.12
N ALA A 59 9.04 9.09 -3.87
CA ALA A 59 8.44 9.28 -5.20
C ALA A 59 6.92 9.25 -5.14
N GLY A 60 6.28 10.07 -5.98
CA GLY A 60 4.84 10.08 -6.05
C GLY A 60 4.32 8.79 -6.71
N GLN A 61 4.98 8.37 -7.78
CA GLN A 61 4.60 7.13 -8.47
C GLN A 61 5.12 5.93 -7.69
N GLU A 62 4.21 5.29 -6.96
CA GLU A 62 4.57 4.13 -6.17
C GLU A 62 5.18 3.04 -7.06
N GLU A 63 6.24 2.41 -6.57
CA GLU A 63 6.67 1.14 -7.14
C GLU A 63 7.21 0.27 -6.02
N TYR A 64 6.57 -0.88 -5.80
CA TYR A 64 6.98 -1.70 -4.68
C TYR A 64 8.38 -2.26 -4.84
N SER A 65 9.16 -2.18 -3.76
CA SER A 65 10.35 -2.99 -3.64
C SER A 65 10.62 -3.21 -2.15
N ALA A 66 11.13 -4.38 -1.83
CA ALA A 66 11.51 -4.71 -0.46
C ALA A 66 12.52 -3.68 0.07
N MET A 67 13.43 -3.26 -0.79
CA MET A 67 14.45 -2.33 -0.33
C MET A 67 13.83 -0.95 -0.05
N ARG A 68 12.92 -0.47 -0.90
CA ARG A 68 12.23 0.79 -0.60
C ARG A 68 11.48 0.75 0.72
N ASP A 69 10.79 -0.35 1.01
CA ASP A 69 10.14 -0.47 2.30
C ASP A 69 11.13 -0.39 3.47
N GLN A 70 12.33 -0.93 3.26
CA GLN A 70 13.35 -0.91 4.29
C GLN A 70 13.82 0.54 4.48
N TYR A 71 13.88 1.28 3.39
CA TYR A 71 14.34 2.69 3.52
C TYR A 71 13.26 3.49 4.25
N MET A 72 12.01 3.20 3.93
CA MET A 72 10.88 3.87 4.57
C MET A 72 10.76 3.55 6.05
N ARG A 73 11.07 2.29 6.41
CA ARG A 73 10.99 1.87 7.82
C ARG A 73 11.96 2.62 8.74
N THR A 74 13.07 3.08 8.18
CA THR A 74 14.04 3.94 8.89
C THR A 74 13.41 5.27 9.33
N GLY A 75 12.34 5.67 8.67
CA GLY A 75 11.67 6.92 9.02
C GLY A 75 11.03 6.84 10.40
N GLU A 76 11.18 7.91 11.18
CA GLU A 76 10.59 8.01 12.53
C GLU A 76 9.28 8.79 12.51
N GLY A 77 9.13 9.63 11.49
CA GLY A 77 7.94 10.48 11.33
C GLY A 77 7.69 10.77 9.87
N PHE A 78 6.42 10.97 9.50
CA PHE A 78 6.07 11.08 8.09
C PHE A 78 5.23 12.33 7.85
N LEU A 79 5.61 13.11 6.84
CA LEU A 79 4.74 14.16 6.32
C LEU A 79 3.92 13.58 5.20
N CYS A 80 2.61 13.64 5.33
CA CYS A 80 1.73 13.16 4.26
C CYS A 80 1.20 14.38 3.53
N VAL A 81 1.66 14.58 2.31
CA VAL A 81 1.45 15.84 1.61
C VAL A 81 0.41 15.67 0.51
N PHE A 82 -0.54 16.60 0.45
CA PHE A 82 -1.37 16.73 -0.73
C PHE A 82 -1.24 18.18 -1.19
N ALA A 83 -1.76 18.48 -2.37
CA ALA A 83 -1.83 19.86 -2.87
C ALA A 83 -3.27 20.30 -2.79
N ILE A 84 -3.49 21.53 -2.32
CA ILE A 84 -4.84 22.00 -2.03
C ILE A 84 -5.61 22.27 -3.33
N ASN A 85 -4.95 22.16 -4.48
CA ASN A 85 -5.66 22.33 -5.75
C ASN A 85 -5.76 21.02 -6.51
N ASN A 86 -5.61 19.91 -5.79
CA ASN A 86 -5.62 18.57 -6.39
C ASN A 86 -6.40 17.64 -5.47
N THR A 87 -7.71 17.56 -5.66
CA THR A 87 -8.53 16.73 -4.79
C THR A 87 -8.13 15.27 -4.78
N LYS A 88 -7.64 14.76 -5.92
CA LYS A 88 -7.23 13.38 -5.99
C LYS A 88 -6.08 13.12 -5.03
N SER A 89 -5.13 14.06 -4.96
CA SER A 89 -4.00 13.87 -4.06
C SER A 89 -4.46 13.88 -2.61
N PHE A 90 -5.53 14.61 -2.33
CA PHE A 90 -6.11 14.61 -0.99
C PHE A 90 -6.78 13.26 -0.70
N GLU A 91 -7.63 12.81 -1.61
CA GLU A 91 -8.17 11.45 -1.52
C GLU A 91 -7.09 10.35 -1.35
N ASP A 92 -5.93 10.53 -1.99
CA ASP A 92 -4.86 9.52 -1.88
C ASP A 92 -4.21 9.45 -0.50
N ILE A 93 -4.47 10.44 0.36
CA ILE A 93 -3.79 10.49 1.66
C ILE A 93 -4.05 9.20 2.42
N HIS A 94 -5.25 8.67 2.29
CA HIS A 94 -5.56 7.42 2.97
C HIS A 94 -4.62 6.30 2.55
N HIS A 95 -4.29 6.24 1.26
CA HIS A 95 -3.35 5.23 0.75
C HIS A 95 -2.01 5.33 1.44
N TYR A 96 -1.47 6.55 1.49
CA TYR A 96 -0.19 6.76 2.13
C TYR A 96 -0.19 6.46 3.61
N ARG A 97 -1.22 6.88 4.32
CA ARG A 97 -1.29 6.64 5.74
C ARG A 97 -1.28 5.13 6.05
N GLU A 98 -2.07 4.37 5.29
CA GLU A 98 -2.12 2.93 5.51
C GLU A 98 -0.83 2.23 5.12
N GLN A 99 -0.17 2.69 4.05
CA GLN A 99 1.13 2.16 3.68
C GLN A 99 2.17 2.40 4.77
N ILE A 100 2.12 3.56 5.40
CA ILE A 100 3.04 3.88 6.50
C ILE A 100 2.79 3.00 7.72
N LYS A 101 1.52 2.80 8.09
CA LYS A 101 1.24 1.95 9.22
C LYS A 101 1.74 0.54 8.89
N ARG A 102 1.57 0.13 7.64
CA ARG A 102 2.01 -1.21 7.20
C ARG A 102 3.54 -1.36 7.19
N VAL A 103 4.27 -0.40 6.63
CA VAL A 103 5.75 -0.51 6.66
C VAL A 103 6.25 -0.53 8.09
N LYS A 104 5.58 0.23 8.94
CA LYS A 104 6.01 0.41 10.30
C LYS A 104 5.41 -0.65 11.22
N ASP A 105 4.44 -1.40 10.70
CA ASP A 105 3.67 -2.37 11.48
C ASP A 105 3.22 -1.78 12.81
N SER A 106 2.66 -0.56 12.73
CA SER A 106 2.18 0.14 13.90
C SER A 106 0.91 0.89 13.55
N GLU A 107 0.02 1.03 14.53
CA GLU A 107 -1.21 1.77 14.36
C GLU A 107 -1.01 3.24 14.71
N ASP A 108 0.14 3.53 15.32
CA ASP A 108 0.39 4.83 15.92
C ASP A 108 1.75 5.40 15.48
N VAL A 109 1.87 5.73 14.20
CA VAL A 109 3.09 6.31 13.65
C VAL A 109 2.99 7.83 13.62
N PRO A 110 4.03 8.53 14.11
CA PRO A 110 4.05 10.00 14.03
C PRO A 110 3.85 10.47 12.61
N MET A 111 2.82 11.29 12.40
CA MET A 111 2.54 11.82 11.06
C MET A 111 2.00 13.24 11.15
N VAL A 112 2.19 13.99 10.09
CA VAL A 112 1.53 15.32 9.97
C VAL A 112 0.92 15.43 8.60
N LEU A 113 -0.32 15.88 8.57
CA LEU A 113 -1.00 16.09 7.29
C LEU A 113 -0.57 17.46 6.74
N VAL A 114 -0.07 17.49 5.50
CA VAL A 114 0.37 18.77 4.94
C VAL A 114 -0.39 19.12 3.69
N GLY A 115 -1.04 20.29 3.69
CA GLY A 115 -1.71 20.79 2.52
C GLY A 115 -0.84 21.83 1.85
N ASN A 116 -0.19 21.43 0.76
CA ASN A 116 0.78 22.30 0.12
C ASN A 116 0.18 23.11 -1.06
N LYS A 117 0.93 24.11 -1.50
CA LYS A 117 0.57 25.05 -2.58
C LYS A 117 -0.50 26.06 -2.13
N CYS A 118 -0.52 26.41 -0.85
CA CYS A 118 -1.58 27.30 -0.37
CA CYS A 118 -1.54 27.30 -0.32
C CYS A 118 -1.42 28.73 -0.85
N ASP A 119 -0.40 28.99 -1.65
CA ASP A 119 -0.26 30.29 -2.33
C ASP A 119 -1.24 30.41 -3.50
N LEU A 120 -1.85 29.30 -3.91
CA LEU A 120 -2.81 29.35 -5.02
C LEU A 120 -4.23 29.72 -4.53
N PRO A 121 -4.78 30.83 -5.03
CA PRO A 121 -6.11 31.24 -4.56
C PRO A 121 -7.19 30.24 -5.01
N SER A 122 -6.90 29.52 -6.08
CA SER A 122 -7.85 28.56 -6.62
C SER A 122 -7.64 27.17 -6.02
N ARG A 123 -8.32 26.89 -4.90
CA ARG A 123 -8.18 25.59 -4.27
C ARG A 123 -9.47 24.77 -4.32
N THR A 124 -9.31 23.46 -4.23
CA THR A 124 -10.42 22.53 -4.41
C THR A 124 -10.61 21.74 -3.14
N VAL A 125 -9.62 21.84 -2.24
CA VAL A 125 -9.74 21.24 -0.91
C VAL A 125 -9.74 22.36 0.12
N ASP A 126 -10.83 22.49 0.87
CA ASP A 126 -10.92 23.58 1.82
C ASP A 126 -10.24 23.23 3.15
N THR A 127 -9.91 24.26 3.92
CA THR A 127 -9.19 24.07 5.18
C THR A 127 -9.97 23.15 6.12
N LYS A 128 -11.27 23.36 6.21
CA LYS A 128 -12.14 22.53 7.06
C LYS A 128 -12.13 21.05 6.66
N GLN A 129 -12.14 20.77 5.36
CA GLN A 129 -12.08 19.40 4.87
C GLN A 129 -10.82 18.69 5.37
N ALA A 130 -9.71 19.41 5.28
CA ALA A 130 -8.41 18.86 5.67
C ALA A 130 -8.29 18.75 7.19
N GLN A 131 -8.73 19.79 7.89
CA GLN A 131 -8.73 19.76 9.35
C GLN A 131 -9.58 18.59 9.86
N ASP A 132 -10.71 18.35 9.19
CA ASP A 132 -11.58 17.24 9.55
C ASP A 132 -10.88 15.90 9.43
N LEU A 133 -10.25 15.68 8.29
CA LEU A 133 -9.51 14.44 8.06
C LEU A 133 -8.41 14.23 9.09
N ALA A 134 -7.57 15.24 9.27
CA ALA A 134 -6.52 15.19 10.30
C ALA A 134 -7.10 14.87 11.68
N ARG A 135 -8.25 15.48 12.01
CA ARG A 135 -8.92 15.23 13.29
C ARG A 135 -9.25 13.75 13.45
N SER A 136 -9.80 13.14 12.40
CA SER A 136 -10.16 11.72 12.47
C SER A 136 -8.93 10.85 12.64
N TYR A 137 -7.79 11.27 12.09
CA TYR A 137 -6.52 10.55 12.23
C TYR A 137 -5.82 10.81 13.57
N GLY A 138 -6.26 11.85 14.28
CA GLY A 138 -5.58 12.29 15.48
C GLY A 138 -4.20 12.88 15.22
N ILE A 139 -4.03 13.53 14.06
CA ILE A 139 -2.75 14.13 13.71
C ILE A 139 -2.90 15.60 13.35
N PRO A 140 -1.81 16.37 13.46
CA PRO A 140 -1.90 17.78 13.07
C PRO A 140 -2.07 18.03 11.58
N PHE A 141 -2.71 19.15 11.24
CA PHE A 141 -2.77 19.63 9.85
C PHE A 141 -2.03 20.98 9.76
N ILE A 142 -1.11 21.09 8.80
CA ILE A 142 -0.35 22.32 8.54
C ILE A 142 -0.48 22.69 7.05
N GLU A 143 -0.86 23.94 6.75
CA GLU A 143 -0.85 24.42 5.36
C GLU A 143 0.51 25.00 5.00
N THR A 144 1.00 24.66 3.81
CA THR A 144 2.34 25.12 3.41
C THR A 144 2.30 25.70 2.00
N SER A 145 3.28 26.51 1.69
CA SER A 145 3.61 26.83 0.31
C SER A 145 5.12 26.72 0.13
N ALA A 146 5.57 25.75 -0.66
CA ALA A 146 7.01 25.66 -0.93
C ALA A 146 7.45 26.95 -1.64
N LYS A 147 6.52 27.56 -2.37
CA LYS A 147 6.77 28.76 -3.13
C LYS A 147 7.09 29.97 -2.26
N THR A 148 6.29 30.23 -1.23
CA THR A 148 6.47 31.45 -0.42
C THR A 148 7.21 31.16 0.88
N ARG A 149 7.34 29.86 1.16
CA ARG A 149 7.96 29.28 2.36
C ARG A 149 6.99 29.31 3.57
N GLN A 150 5.77 29.77 3.33
CA GLN A 150 4.73 29.72 4.37
C GLN A 150 4.59 28.30 4.95
N GLY A 151 4.70 28.17 6.28
CA GLY A 151 4.49 26.88 6.96
C GLY A 151 5.51 25.78 6.77
N VAL A 152 6.57 26.04 6.00
CA VAL A 152 7.50 24.95 5.69
C VAL A 152 8.24 24.48 6.96
N ASP A 153 8.92 25.40 7.65
CA ASP A 153 9.53 25.04 8.96
C ASP A 153 8.49 24.45 9.93
N ASP A 154 7.31 25.06 9.96
CA ASP A 154 6.24 24.62 10.85
C ASP A 154 5.86 23.17 10.60
N ALA A 155 5.78 22.76 9.33
CA ALA A 155 5.39 21.40 9.03
C ALA A 155 6.42 20.43 9.58
N PHE A 156 7.70 20.71 9.33
CA PHE A 156 8.74 19.79 9.75
C PHE A 156 8.94 19.81 11.26
N TYR A 157 8.90 21.00 11.86
CA TYR A 157 9.06 21.09 13.32
C TYR A 157 7.90 20.40 14.03
N THR A 158 6.69 20.58 13.48
CA THR A 158 5.52 19.97 14.08
C THR A 158 5.65 18.44 14.02
N LEU A 159 6.21 17.91 12.92
CA LEU A 159 6.45 16.48 12.83
C LEU A 159 7.43 16.02 13.91
N VAL A 160 8.44 16.83 14.22
CA VAL A 160 9.38 16.45 15.22
C VAL A 160 8.70 16.44 16.59
N ARG A 161 7.81 17.39 16.81
CA ARG A 161 7.04 17.39 18.06
C ARG A 161 6.13 16.18 18.14
N GLU A 162 5.59 15.78 17.00
CA GLU A 162 4.75 14.59 16.95
C GLU A 162 5.55 13.35 17.31
N ILE A 163 6.78 13.24 16.80
CA ILE A 163 7.64 12.08 17.09
C ILE A 163 7.92 11.99 18.58
N ARG A 164 8.06 13.15 19.18
CA ARG A 164 8.39 13.26 20.61
C ARG A 164 7.17 13.06 21.53
N LYS A 165 6.00 12.87 20.94
CA LYS A 165 4.81 12.49 21.70
C LYS A 165 4.77 11.00 21.96
N HIS A 166 5.69 10.29 21.34
CA HIS A 166 5.80 8.84 21.47
C HIS A 166 6.54 8.46 22.75
N SER B 1 19.46 12.76 -17.30
CA SER B 1 18.64 12.47 -16.14
C SER B 1 19.24 11.36 -15.29
N GLY B 2 18.60 11.09 -14.15
CA GLY B 2 18.98 9.96 -13.32
C GLY B 2 19.60 10.42 -12.03
N PRO B 3 19.46 9.61 -10.98
CA PRO B 3 19.93 9.94 -9.63
C PRO B 3 21.47 10.07 -9.58
N ARG B 4 21.96 11.09 -8.89
CA ARG B 4 23.40 11.24 -8.67
C ARG B 4 23.84 10.39 -7.49
N ARG B 5 24.73 9.45 -7.74
CA ARG B 5 25.28 8.67 -6.65
C ARG B 5 26.22 9.56 -5.88
N PRO B 6 26.00 9.68 -4.56
CA PRO B 6 26.93 10.46 -3.75
C PRO B 6 28.32 9.84 -3.76
N ARG B 7 29.34 10.67 -3.79
CA ARG B 7 30.69 10.11 -3.80
C ARG B 7 31.05 9.64 -2.39
N SEC B 8 31.78 8.54 -2.33
CA SEC B 8 32.31 7.98 -1.10
C SEC B 8 32.86 9.06 -0.26
N PRO B 9 32.54 9.07 1.04
CA PRO B 9 32.94 10.16 1.93
C PRO B 9 34.44 10.24 2.23
N GLY B 10 35.17 9.15 2.04
CA GLY B 10 36.59 9.15 2.34
C GLY B 10 36.87 8.56 3.71
N ASP B 11 37.99 7.85 3.84
CA ASP B 11 38.27 7.09 5.06
C ASP B 11 38.49 7.99 6.29
N GLN B 12 38.93 9.23 6.08
CA GLN B 12 39.14 10.15 7.19
C GLN B 12 38.06 11.24 7.31
N ALA B 13 36.88 10.97 6.75
CA ALA B 13 35.78 11.90 6.86
C ALA B 13 35.36 12.13 8.29
N SER B 14 34.89 13.34 8.56
CA SER B 14 34.32 13.70 9.86
C SER B 14 32.95 13.04 10.05
N LEU B 15 32.50 12.98 11.30
CA LEU B 15 31.18 12.42 11.58
C LEU B 15 30.09 13.22 10.86
N GLU B 16 30.24 14.55 10.84
CA GLU B 16 29.25 15.35 10.13
C GLU B 16 29.27 15.06 8.62
N GLU B 17 30.45 14.79 8.05
CA GLU B 17 30.50 14.49 6.63
C GLU B 17 29.83 13.13 6.35
N LEU B 18 30.07 12.20 7.25
CA LEU B 18 29.41 10.88 7.14
C LEU B 18 27.90 11.00 7.27
N HIS B 19 27.44 11.80 8.23
CA HIS B 19 26.02 12.05 8.36
C HIS B 19 25.43 12.64 7.08
N GLU B 20 26.10 13.65 6.52
CA GLU B 20 25.64 14.26 5.27
C GLU B 20 25.61 13.21 4.15
N TYR B 21 26.66 12.41 4.10
CA TYR B 21 26.73 11.40 3.06
C TYR B 21 25.59 10.39 3.27
N TRP B 22 25.32 10.02 4.53
CA TRP B 22 24.35 8.95 4.79
C TRP B 22 22.95 9.37 4.32
N ALA B 23 22.59 10.62 4.61
CA ALA B 23 21.26 11.10 4.18
C ALA B 23 21.15 11.11 2.65
N ARG B 24 22.24 11.45 1.97
CA ARG B 24 22.25 11.41 0.50
C ARG B 24 22.14 9.97 -0.01
N LEU B 25 22.86 9.05 0.63
CA LEU B 25 22.79 7.63 0.25
C LEU B 25 21.39 7.04 0.47
N TRP B 26 20.75 7.39 1.58
CA TRP B 26 19.38 6.99 1.83
C TRP B 26 18.47 7.36 0.65
N ASN B 27 18.57 8.60 0.17
CA ASN B 27 17.72 9.05 -0.92
C ASN B 27 18.11 8.42 -2.24
N TYR B 28 19.41 8.30 -2.48
CA TYR B 28 19.89 7.67 -3.72
C TYR B 28 19.40 6.23 -3.87
N LEU B 29 19.62 5.45 -2.81
CA LEU B 29 19.18 4.04 -2.82
C LEU B 29 17.66 3.93 -2.97
N TYR B 30 16.91 4.80 -2.29
CA TYR B 30 15.47 4.81 -2.46
C TYR B 30 15.11 5.02 -3.93
N ARG B 31 15.78 5.98 -4.57
CA ARG B 31 15.47 6.33 -5.95
C ARG B 31 15.78 5.20 -6.94
N VAL B 32 16.90 4.51 -6.73
CA VAL B 32 17.35 3.51 -7.70
C VAL B 32 16.77 2.11 -7.47
N ALA B 33 16.17 1.88 -6.30
CA ALA B 33 15.61 0.57 -5.99
C ALA B 33 14.59 0.14 -7.03
N HIS B 34 14.84 -1.01 -7.65
CA HIS B 34 14.09 -1.45 -8.81
C HIS B 34 13.82 -2.95 -8.76
N GLY C 1 42.36 2.24 20.84
CA GLY C 1 42.20 1.71 19.50
C GLY C 1 40.86 1.98 18.86
N GLY C 2 39.87 1.17 19.22
CA GLY C 2 38.56 1.27 18.59
C GLY C 2 37.39 1.12 19.54
N GLY C 3 36.29 1.76 19.18
CA GLY C 3 35.00 1.52 19.79
C GLY C 3 34.17 0.89 18.69
N PRO C 4 33.01 1.46 18.40
CA PRO C 4 32.25 0.96 17.24
C PRO C 4 33.10 1.06 15.97
N ARG C 5 33.15 0.00 15.16
CA ARG C 5 33.99 0.02 13.97
C ARG C 5 33.33 0.73 12.79
N ARG C 6 34.09 1.64 12.20
CA ARG C 6 33.61 2.42 11.07
C ARG C 6 33.68 1.59 9.81
N PRO C 7 32.54 1.43 9.11
CA PRO C 7 32.60 0.63 7.88
C PRO C 7 33.34 1.37 6.79
N ARG C 8 33.96 0.65 5.87
CA ARG C 8 34.53 1.30 4.71
C ARG C 8 33.50 1.39 3.58
N SEC C 9 33.51 2.50 2.86
CA SEC C 9 32.64 2.66 1.71
C SEC C 9 33.11 1.69 0.69
N PRO C 10 32.19 0.95 0.06
CA PRO C 10 32.66 -0.14 -0.81
C PRO C 10 33.24 0.35 -2.14
N GLY C 11 33.32 1.65 -2.35
CA GLY C 11 34.01 2.16 -3.52
C GLY C 11 33.10 2.81 -4.55
N ASP C 12 33.71 3.60 -5.43
CA ASP C 12 32.98 4.34 -6.46
C ASP C 12 32.26 3.39 -7.42
N ASN C 13 32.85 2.21 -7.60
CA ASN C 13 32.34 1.17 -8.48
C ASN C 13 31.39 0.17 -7.81
N ALA C 14 31.03 0.44 -6.56
CA ALA C 14 30.25 -0.53 -5.77
C ALA C 14 28.90 -0.89 -6.39
N SER C 15 28.44 -2.11 -6.18
CA SER C 15 27.09 -2.47 -6.61
C SER C 15 26.07 -1.83 -5.68
N ILE C 16 24.82 -1.76 -6.13
CA ILE C 16 23.76 -1.26 -5.28
C ILE C 16 23.62 -2.16 -4.06
N LYS C 17 23.77 -3.48 -4.23
CA LYS C 17 23.71 -4.38 -3.08
C LYS C 17 24.80 -4.08 -2.04
N GLN C 18 26.03 -3.81 -2.50
CA GLN C 18 27.09 -3.38 -1.60
C GLN C 18 26.78 -2.05 -0.91
N LEU C 19 26.20 -1.11 -1.65
CA LEU C 19 25.84 0.17 -1.02
C LEU C 19 24.70 0.03 -0.03
N HIS C 20 23.78 -0.91 -0.29
CA HIS C 20 22.66 -1.13 0.62
C HIS C 20 23.20 -1.65 1.95
N ALA C 21 24.21 -2.52 1.86
CA ALA C 21 24.89 -3.01 3.05
C ALA C 21 25.60 -1.86 3.78
N TYR C 22 26.30 -1.03 3.02
CA TYR C 22 27.06 0.07 3.58
C TYR C 22 26.09 1.03 4.27
N TRP C 23 24.98 1.28 3.59
CA TRP C 23 23.94 2.16 4.17
C TRP C 23 23.48 1.68 5.55
N GLN C 24 23.28 0.36 5.70
CA GLN C 24 22.87 -0.16 7.01
C GLN C 24 23.99 -0.04 8.05
N ARG C 25 25.19 -0.40 7.63
CA ARG C 25 26.34 -0.39 8.53
C ARG C 25 26.69 1.01 8.99
N LEU C 26 26.59 1.96 8.07
CA LEU C 26 26.94 3.35 8.40
C LEU C 26 25.86 3.93 9.33
N TYR C 27 24.60 3.59 9.09
CA TYR C 27 23.51 3.92 10.03
C TYR C 27 23.83 3.43 11.44
N ALA C 28 24.26 2.17 11.52
CA ALA C 28 24.54 1.58 12.82
C ALA C 28 25.72 2.24 13.49
N TYR C 29 26.77 2.48 12.72
CA TYR C 29 27.97 3.12 13.26
C TYR C 29 27.65 4.51 13.83
N LEU C 30 26.89 5.28 13.06
CA LEU C 30 26.62 6.67 13.44
C LEU C 30 25.70 6.70 14.65
N ALA C 31 24.82 5.70 14.75
CA ALA C 31 23.95 5.59 15.89
C ALA C 31 24.71 5.10 17.13
N ALA C 32 25.73 4.27 16.91
CA ALA C 32 26.49 3.67 18.02
C ALA C 32 27.38 4.70 18.70
N VAL C 33 27.79 5.70 17.94
CA VAL C 33 28.69 6.73 18.42
C VAL C 33 27.90 7.85 19.16
N ALA C 34 26.58 7.90 18.93
CA ALA C 34 25.75 8.95 19.53
C ALA C 34 25.35 8.64 20.98
N MET D 1 -10.04 -32.27 -7.42
CA MET D 1 -10.04 -31.13 -8.34
C MET D 1 -9.35 -29.91 -7.75
N THR D 2 -8.79 -29.09 -8.61
CA THR D 2 -7.92 -28.00 -8.20
C THR D 2 -8.71 -26.87 -7.55
N GLU D 3 -8.16 -26.38 -6.44
CA GLU D 3 -8.65 -25.20 -5.76
C GLU D 3 -7.98 -23.97 -6.34
N TYR D 4 -8.74 -22.90 -6.54
CA TYR D 4 -8.16 -21.61 -6.87
C TYR D 4 -8.70 -20.58 -5.88
N LYS D 5 -7.80 -19.89 -5.18
CA LYS D 5 -8.17 -18.79 -4.29
C LYS D 5 -8.02 -17.48 -5.09
N LEU D 6 -9.14 -16.81 -5.35
CA LEU D 6 -9.15 -15.54 -6.10
C LEU D 6 -9.55 -14.39 -5.19
N VAL D 7 -8.91 -13.24 -5.40
CA VAL D 7 -9.18 -12.09 -4.57
C VAL D 7 -9.60 -10.96 -5.49
N VAL D 8 -10.67 -10.27 -5.10
CA VAL D 8 -11.17 -9.14 -5.89
C VAL D 8 -10.87 -7.84 -5.16
N VAL D 9 -10.17 -6.94 -5.86
CA VAL D 9 -9.76 -5.67 -5.24
C VAL D 9 -10.09 -4.50 -6.14
N GLY D 10 -10.03 -3.31 -5.57
CA GLY D 10 -10.35 -2.10 -6.30
C GLY D 10 -11.06 -1.09 -5.44
N ALA D 11 -11.16 0.12 -6.00
CA ALA D 11 -11.62 1.29 -5.29
C ALA D 11 -13.06 1.13 -4.80
N VAL D 12 -13.45 1.94 -3.82
CA VAL D 12 -14.81 1.91 -3.30
C VAL D 12 -15.84 2.07 -4.40
N GLY D 13 -16.81 1.18 -4.42
CA GLY D 13 -17.95 1.26 -5.33
C GLY D 13 -17.74 0.76 -6.75
N VAL D 14 -16.60 0.14 -7.06
CA VAL D 14 -16.39 -0.22 -8.47
C VAL D 14 -17.20 -1.47 -8.83
N GLY D 15 -17.70 -2.17 -7.81
CA GLY D 15 -18.52 -3.35 -8.04
C GLY D 15 -17.90 -4.67 -7.66
N LYS D 16 -16.94 -4.66 -6.73
CA LYS D 16 -16.32 -5.92 -6.28
C LYS D 16 -17.36 -6.91 -5.73
N SER D 17 -18.24 -6.43 -4.86
CA SER D 17 -19.25 -7.28 -4.26
C SER D 17 -20.26 -7.75 -5.30
N ALA D 18 -20.70 -6.84 -6.16
CA ALA D 18 -21.68 -7.20 -7.20
C ALA D 18 -21.11 -8.25 -8.15
N LEU D 19 -19.82 -8.11 -8.47
CA LEU D 19 -19.16 -9.07 -9.36
C LEU D 19 -19.07 -10.42 -8.70
N THR D 20 -18.68 -10.43 -7.42
CA THR D 20 -18.59 -11.69 -6.68
C THR D 20 -19.95 -12.40 -6.54
N ILE D 21 -20.97 -11.63 -6.21
CA ILE D 21 -22.32 -12.18 -6.02
C ILE D 21 -22.88 -12.66 -7.36
N GLN D 22 -22.61 -11.93 -8.43
CA GLN D 22 -23.08 -12.38 -9.75
C GLN D 22 -22.38 -13.69 -10.12
N LEU D 23 -21.06 -13.75 -9.96
CA LEU D 23 -20.30 -14.95 -10.30
C LEU D 23 -20.81 -16.17 -9.49
N ILE D 24 -20.95 -16.01 -8.18
CA ILE D 24 -21.26 -17.14 -7.30
C ILE D 24 -22.75 -17.46 -7.22
N GLN D 25 -23.57 -16.41 -7.06
CA GLN D 25 -24.98 -16.57 -6.76
C GLN D 25 -25.90 -16.18 -7.92
N ASN D 26 -25.30 -15.83 -9.05
CA ASN D 26 -26.04 -15.68 -10.28
C ASN D 26 -27.20 -14.67 -10.23
N HIS D 27 -27.03 -13.59 -9.47
CA HIS D 27 -27.95 -12.47 -9.62
C HIS D 27 -27.22 -11.17 -9.33
N PHE D 28 -27.88 -10.08 -9.69
CA PHE D 28 -27.38 -8.73 -9.44
C PHE D 28 -27.99 -8.20 -8.16
N VAL D 29 -27.17 -8.13 -7.12
CA VAL D 29 -27.68 -7.93 -5.76
C VAL D 29 -28.22 -6.51 -5.54
N ASP D 30 -29.25 -6.41 -4.69
CA ASP D 30 -29.81 -5.13 -4.29
C ASP D 30 -29.59 -4.87 -2.80
N PRO D 34 -30.62 -11.15 2.47
CA PRO D 34 -32.07 -11.31 2.57
C PRO D 34 -32.52 -12.76 2.63
N THR D 35 -31.92 -13.55 3.53
CA THR D 35 -32.15 -14.99 3.66
C THR D 35 -31.79 -15.80 2.40
N ILE D 36 -30.87 -15.26 1.60
CA ILE D 36 -30.08 -16.07 0.67
C ILE D 36 -28.79 -16.38 1.41
N GLU D 37 -28.46 -17.65 1.60
CA GLU D 37 -27.29 -17.96 2.44
C GLU D 37 -25.97 -17.50 1.79
N ASP D 38 -25.07 -16.91 2.58
CA ASP D 38 -23.77 -16.47 2.07
C ASP D 38 -23.01 -17.64 1.44
N SER D 39 -22.35 -17.36 0.32
CA SER D 39 -21.45 -18.34 -0.29
C SER D 39 -20.36 -17.61 -1.03
N TYR D 40 -19.13 -18.10 -0.90
CA TYR D 40 -18.01 -17.48 -1.57
C TYR D 40 -17.24 -18.53 -2.37
N ARG D 41 -17.95 -19.61 -2.72
CA ARG D 41 -17.34 -20.74 -3.46
C ARG D 41 -18.19 -21.17 -4.66
N LYS D 42 -17.53 -21.55 -5.75
CA LYS D 42 -18.25 -21.98 -6.96
C LYS D 42 -17.50 -23.08 -7.69
N GLN D 43 -18.20 -24.15 -8.07
CA GLN D 43 -17.62 -25.19 -8.91
C GLN D 43 -17.87 -24.84 -10.38
N VAL D 44 -16.81 -24.88 -11.18
CA VAL D 44 -16.88 -24.53 -12.60
C VAL D 44 -16.05 -25.44 -13.46
N VAL D 45 -16.31 -25.43 -14.76
CA VAL D 45 -15.44 -26.11 -15.70
C VAL D 45 -14.69 -25.10 -16.54
N ILE D 46 -13.36 -25.15 -16.47
CA ILE D 46 -12.54 -24.25 -17.26
C ILE D 46 -11.62 -25.05 -18.17
N ASP D 47 -11.84 -24.90 -19.47
CA ASP D 47 -11.03 -25.58 -20.47
C ASP D 47 -11.09 -27.10 -20.27
N GLY D 48 -12.25 -27.59 -19.85
CA GLY D 48 -12.47 -29.03 -19.69
C GLY D 48 -12.17 -29.57 -18.29
N GLU D 49 -11.39 -28.82 -17.51
CA GLU D 49 -11.07 -29.21 -16.14
C GLU D 49 -12.06 -28.63 -15.14
N THR D 50 -12.53 -29.48 -14.23
CA THR D 50 -13.43 -29.01 -13.18
C THR D 50 -12.64 -28.37 -12.05
N CYS D 51 -13.00 -27.14 -11.75
CA CYS D 51 -12.28 -26.27 -10.82
C CYS D 51 -13.21 -25.86 -9.68
N LEU D 52 -12.62 -25.62 -8.51
CA LEU D 52 -13.34 -24.94 -7.43
C LEU D 52 -12.69 -23.59 -7.25
N LEU D 53 -13.50 -22.53 -7.21
CA LEU D 53 -13.02 -21.17 -7.01
C LEU D 53 -13.48 -20.68 -5.64
N ASP D 54 -12.57 -20.21 -4.81
CA ASP D 54 -12.96 -19.50 -3.59
C ASP D 54 -12.66 -18.01 -3.87
N ILE D 55 -13.57 -17.12 -3.51
CA ILE D 55 -13.40 -15.70 -3.76
C ILE D 55 -13.35 -14.89 -2.48
N LEU D 56 -12.34 -14.03 -2.36
CA LEU D 56 -12.25 -13.07 -1.29
C LEU D 56 -12.68 -11.69 -1.80
N ASP D 57 -13.76 -11.15 -1.24
CA ASP D 57 -14.35 -9.92 -1.71
C ASP D 57 -13.87 -8.80 -0.78
N THR D 58 -12.84 -8.07 -1.18
CA THR D 58 -12.19 -7.11 -0.29
C THR D 58 -12.90 -5.77 -0.20
N ALA D 59 -12.36 -4.88 0.63
CA ALA D 59 -12.93 -3.55 0.88
C ALA D 59 -12.27 -2.48 0.01
N GLY D 60 -13.07 -1.54 -0.49
CA GLY D 60 -12.53 -0.41 -1.23
C GLY D 60 -11.80 0.54 -0.30
N GLN D 61 -12.32 0.71 0.92
CA GLN D 61 -11.67 1.55 1.92
C GLN D 61 -10.65 0.74 2.72
N GLU D 62 -9.38 0.93 2.40
CA GLU D 62 -8.33 0.19 3.10
C GLU D 62 -8.24 0.54 4.58
N GLU D 63 -8.11 -0.49 5.40
CA GLU D 63 -7.52 -0.31 6.72
C GLU D 63 -6.48 -1.40 6.87
N TYR D 64 -5.23 -0.99 7.06
CA TYR D 64 -4.15 -1.95 7.25
C TYR D 64 -4.40 -2.83 8.46
N SER D 65 -4.18 -4.14 8.32
CA SER D 65 -3.92 -5.02 9.46
C SER D 65 -3.10 -6.22 8.97
N ALA D 66 -2.28 -6.76 9.86
CA ALA D 66 -1.47 -7.93 9.52
C ALA D 66 -2.39 -9.08 9.14
N MET D 67 -3.51 -9.19 9.84
CA MET D 67 -4.46 -10.25 9.54
C MET D 67 -5.05 -10.09 8.16
N ARG D 68 -5.55 -8.91 7.80
CA ARG D 68 -6.03 -8.71 6.42
C ARG D 68 -4.99 -9.02 5.40
N ASP D 69 -3.74 -8.67 5.70
CA ASP D 69 -2.68 -8.98 4.75
C ASP D 69 -2.54 -10.49 4.61
N GLN D 70 -2.69 -11.22 5.72
CA GLN D 70 -2.66 -12.68 5.70
C GLN D 70 -3.78 -13.25 4.81
N TYR D 71 -4.97 -12.67 4.91
CA TYR D 71 -6.10 -13.12 4.09
C TYR D 71 -5.81 -12.87 2.61
N MET D 72 -5.22 -11.71 2.29
CA MET D 72 -4.91 -11.38 0.91
C MET D 72 -3.79 -12.23 0.33
N ARG D 73 -2.80 -12.51 1.19
CA ARG D 73 -1.63 -13.26 0.79
C ARG D 73 -2.04 -14.67 0.40
N THR D 74 -3.18 -15.11 0.93
CA THR D 74 -3.74 -16.42 0.62
C THR D 74 -4.17 -16.51 -0.85
N GLY D 75 -4.52 -15.38 -1.43
CA GLY D 75 -4.89 -15.36 -2.83
C GLY D 75 -3.79 -15.83 -3.77
N GLU D 76 -4.20 -16.57 -4.79
CA GLU D 76 -3.30 -17.07 -5.82
C GLU D 76 -3.37 -16.18 -7.05
N GLY D 77 -4.48 -15.46 -7.22
CA GLY D 77 -4.63 -14.55 -8.34
C GLY D 77 -5.59 -13.44 -7.94
N PHE D 78 -5.47 -12.29 -8.61
CA PHE D 78 -6.19 -11.08 -8.20
C PHE D 78 -6.90 -10.43 -9.37
N LEU D 79 -8.15 -10.04 -9.13
CA LEU D 79 -8.86 -9.21 -10.06
C LEU D 79 -8.74 -7.77 -9.60
N CYS D 80 -8.15 -6.96 -10.45
CA CYS D 80 -8.01 -5.53 -10.22
C CYS D 80 -9.13 -4.83 -10.94
N VAL D 81 -10.09 -4.32 -10.18
CA VAL D 81 -11.35 -3.82 -10.72
C VAL D 81 -11.41 -2.32 -10.65
N PHE D 82 -11.78 -1.70 -11.77
CA PHE D 82 -12.18 -0.31 -11.77
C PHE D 82 -13.56 -0.24 -12.46
N ALA D 83 -14.23 0.91 -12.38
CA ALA D 83 -15.50 1.12 -13.05
C ALA D 83 -15.26 2.05 -14.23
N ILE D 84 -15.88 1.72 -15.37
CA ILE D 84 -15.55 2.41 -16.62
C ILE D 84 -16.13 3.81 -16.64
N ASN D 85 -16.94 4.16 -15.64
CA ASN D 85 -17.47 5.52 -15.53
C ASN D 85 -16.86 6.26 -14.36
N ASN D 86 -15.72 5.75 -13.88
CA ASN D 86 -15.05 6.32 -12.73
C ASN D 86 -13.55 6.41 -13.00
N THR D 87 -13.10 7.56 -13.49
CA THR D 87 -11.69 7.66 -13.87
C THR D 87 -10.77 7.55 -12.67
N LYS D 88 -11.25 8.00 -11.51
CA LYS D 88 -10.44 7.94 -10.29
C LYS D 88 -10.12 6.49 -9.89
N SER D 89 -11.08 5.61 -10.09
CA SER D 89 -10.90 4.20 -9.75
C SER D 89 -9.90 3.55 -10.73
N PHE D 90 -9.90 4.04 -11.96
CA PHE D 90 -8.92 3.59 -12.96
C PHE D 90 -7.51 4.04 -12.60
N GLU D 91 -7.36 5.30 -12.19
CA GLU D 91 -6.06 5.80 -11.76
C GLU D 91 -5.58 5.04 -10.52
N ASP D 92 -6.52 4.57 -9.71
CA ASP D 92 -6.16 3.81 -8.51
C ASP D 92 -5.58 2.42 -8.79
N ILE D 93 -5.74 1.90 -10.01
CA ILE D 93 -5.33 0.53 -10.30
C ILE D 93 -3.84 0.27 -9.99
N HIS D 94 -3.00 1.24 -10.34
CA HIS D 94 -1.57 1.19 -9.98
C HIS D 94 -1.35 0.87 -8.49
N HIS D 95 -2.13 1.53 -7.65
CA HIS D 95 -2.05 1.37 -6.21
C HIS D 95 -2.36 -0.07 -5.79
N TYR D 96 -3.41 -0.64 -6.38
CA TYR D 96 -3.81 -1.99 -6.02
C TYR D 96 -2.79 -3.00 -6.52
N ARG D 97 -2.29 -2.80 -7.73
CA ARG D 97 -1.31 -3.72 -8.30
C ARG D 97 -0.03 -3.74 -7.47
N GLU D 98 0.43 -2.58 -7.03
CA GLU D 98 1.62 -2.51 -6.20
C GLU D 98 1.40 -3.12 -4.79
N GLN D 99 0.24 -2.88 -4.21
CA GLN D 99 -0.07 -3.48 -2.91
C GLN D 99 -0.12 -5.02 -3.01
N ILE D 100 -0.58 -5.55 -4.14
CA ILE D 100 -0.60 -6.99 -4.34
C ILE D 100 0.81 -7.58 -4.50
N LYS D 101 1.65 -6.89 -5.25
CA LYS D 101 3.04 -7.32 -5.39
C LYS D 101 3.69 -7.34 -4.02
N ARG D 102 3.27 -6.42 -3.17
CA ARG D 102 3.84 -6.31 -1.85
C ARG D 102 3.42 -7.49 -0.96
N VAL D 103 2.14 -7.82 -0.90
CA VAL D 103 1.69 -8.92 -0.04
C VAL D 103 2.26 -10.23 -0.51
N LYS D 104 2.37 -10.41 -1.81
CA LYS D 104 2.85 -11.68 -2.31
C LYS D 104 4.40 -11.69 -2.35
N ASP D 105 4.99 -10.54 -2.03
CA ASP D 105 6.43 -10.32 -2.16
C ASP D 105 6.94 -10.88 -3.48
N SER D 106 6.43 -10.35 -4.58
CA SER D 106 6.72 -10.88 -5.90
C SER D 106 6.35 -9.85 -6.97
N GLU D 107 7.12 -9.85 -8.06
CA GLU D 107 6.84 -8.94 -9.16
C GLU D 107 5.89 -9.57 -10.16
N ASP D 108 5.78 -10.90 -10.09
CA ASP D 108 5.02 -11.67 -11.07
C ASP D 108 3.83 -12.39 -10.45
N VAL D 109 2.79 -11.61 -10.11
CA VAL D 109 1.59 -12.17 -9.50
C VAL D 109 0.47 -12.27 -10.53
N PRO D 110 -0.21 -13.42 -10.60
CA PRO D 110 -1.34 -13.57 -11.53
C PRO D 110 -2.39 -12.51 -11.28
N MET D 111 -2.70 -11.72 -12.31
CA MET D 111 -3.63 -10.59 -12.19
C MET D 111 -4.41 -10.41 -13.48
N VAL D 112 -5.64 -9.92 -13.35
CA VAL D 112 -6.43 -9.54 -14.52
C VAL D 112 -7.01 -8.15 -14.23
N LEU D 113 -6.94 -7.27 -15.21
CA LEU D 113 -7.54 -5.94 -15.08
C LEU D 113 -8.98 -6.03 -15.54
N VAL D 114 -9.89 -5.54 -14.71
CA VAL D 114 -11.32 -5.65 -14.99
C VAL D 114 -11.96 -4.27 -15.03
N GLY D 115 -12.57 -3.93 -16.17
CA GLY D 115 -13.33 -2.70 -16.29
C GLY D 115 -14.80 -3.03 -16.11
N ASN D 116 -15.36 -2.68 -14.96
CA ASN D 116 -16.72 -3.08 -14.64
C ASN D 116 -17.74 -1.98 -14.93
N LYS D 117 -19.02 -2.35 -14.88
CA LYS D 117 -20.16 -1.48 -15.19
C LYS D 117 -20.20 -1.12 -16.68
N CYS D 118 -19.85 -2.05 -17.56
CA CYS D 118 -19.85 -1.75 -18.99
CA CYS D 118 -19.85 -1.74 -18.98
C CYS D 118 -21.26 -1.64 -19.56
N ASP D 119 -22.26 -1.89 -18.73
CA ASP D 119 -23.66 -1.72 -19.16
C ASP D 119 -24.07 -0.25 -19.15
N LEU D 120 -23.44 0.53 -18.28
CA LEU D 120 -23.80 1.94 -18.12
C LEU D 120 -23.41 2.77 -19.34
N PRO D 121 -24.18 3.86 -19.59
CA PRO D 121 -23.92 4.71 -20.75
C PRO D 121 -22.76 5.68 -20.55
N SER D 122 -22.59 6.17 -19.33
CA SER D 122 -21.66 7.26 -19.02
C SER D 122 -20.16 6.92 -18.95
N ARG D 123 -19.65 6.20 -19.95
CA ARG D 123 -18.25 5.76 -19.93
C ARG D 123 -17.25 6.92 -19.91
N THR D 124 -16.27 6.87 -19.00
CA THR D 124 -15.24 7.89 -18.93
C THR D 124 -13.84 7.33 -19.15
N VAL D 125 -13.71 6.00 -19.05
CA VAL D 125 -12.48 5.28 -19.42
C VAL D 125 -12.72 4.46 -20.70
N ASP D 126 -12.03 4.80 -21.78
CA ASP D 126 -12.20 4.07 -23.03
C ASP D 126 -11.47 2.72 -23.01
N THR D 127 -11.98 1.76 -23.77
CA THR D 127 -11.41 0.43 -23.83
C THR D 127 -9.91 0.47 -24.16
N LYS D 128 -9.51 1.43 -24.98
CA LYS D 128 -8.13 1.48 -25.46
C LYS D 128 -7.17 1.97 -24.37
N GLN D 129 -7.62 2.88 -23.53
CA GLN D 129 -6.82 3.31 -22.38
C GLN D 129 -6.51 2.14 -21.46
N ALA D 130 -7.58 1.41 -21.14
CA ALA D 130 -7.50 0.23 -20.28
C ALA D 130 -6.65 -0.87 -20.91
N GLN D 131 -6.84 -1.08 -22.21
CA GLN D 131 -6.06 -2.09 -22.93
C GLN D 131 -4.59 -1.75 -22.88
N ASP D 132 -4.25 -0.48 -23.06
CA ASP D 132 -2.85 -0.05 -23.06
C ASP D 132 -2.20 -0.24 -21.69
N LEU D 133 -2.93 0.05 -20.62
CA LEU D 133 -2.45 -0.14 -19.26
C LEU D 133 -2.17 -1.61 -18.98
N ALA D 134 -3.10 -2.48 -19.37
CA ALA D 134 -2.94 -3.90 -19.12
C ALA D 134 -1.75 -4.43 -19.91
N ARG D 135 -1.65 -4.02 -21.16
CA ARG D 135 -0.52 -4.39 -22.00
C ARG D 135 0.78 -3.91 -21.38
N SER D 136 0.74 -2.75 -20.73
CA SER D 136 1.87 -2.25 -19.94
C SER D 136 2.24 -3.22 -18.82
N TYR D 137 1.23 -3.80 -18.17
CA TYR D 137 1.44 -4.69 -17.03
C TYR D 137 1.69 -6.13 -17.46
N GLY D 138 1.46 -6.44 -18.73
CA GLY D 138 1.64 -7.79 -19.20
C GLY D 138 0.51 -8.70 -18.72
N ILE D 139 -0.65 -8.11 -18.41
CA ILE D 139 -1.82 -8.88 -17.98
C ILE D 139 -3.01 -8.67 -18.92
N PRO D 140 -3.96 -9.63 -18.91
CA PRO D 140 -5.20 -9.43 -19.68
C PRO D 140 -6.10 -8.33 -19.17
N PHE D 141 -6.91 -7.78 -20.08
CA PHE D 141 -7.98 -6.85 -19.71
C PHE D 141 -9.35 -7.43 -20.09
N ILE D 142 -10.29 -7.41 -19.16
CA ILE D 142 -11.65 -7.90 -19.45
C ILE D 142 -12.70 -6.88 -19.04
N GLU D 143 -13.62 -6.54 -19.95
CA GLU D 143 -14.74 -5.67 -19.62
C GLU D 143 -15.91 -6.48 -19.06
N THR D 144 -16.54 -6.00 -17.99
CA THR D 144 -17.61 -6.74 -17.32
C THR D 144 -18.81 -5.85 -16.96
N SER D 145 -19.97 -6.48 -16.79
CA SER D 145 -21.09 -5.87 -16.09
C SER D 145 -21.62 -6.86 -15.06
N ALA D 146 -21.54 -6.51 -13.78
CA ALA D 146 -22.18 -7.35 -12.76
C ALA D 146 -23.70 -7.42 -12.99
N LYS D 147 -24.26 -6.42 -13.64
CA LYS D 147 -25.71 -6.32 -13.80
C LYS D 147 -26.24 -7.29 -14.85
N THR D 148 -25.62 -7.26 -16.02
CA THR D 148 -26.03 -8.12 -17.13
C THR D 148 -25.27 -9.44 -17.18
N ARG D 149 -24.18 -9.54 -16.40
CA ARG D 149 -23.27 -10.71 -16.35
C ARG D 149 -22.33 -10.76 -17.57
N GLN D 150 -22.39 -9.76 -18.45
CA GLN D 150 -21.44 -9.69 -19.56
C GLN D 150 -19.98 -9.79 -19.05
N GLY D 151 -19.17 -10.64 -19.67
CA GLY D 151 -17.79 -10.86 -19.27
C GLY D 151 -17.43 -11.35 -17.87
N VAL D 152 -18.40 -11.64 -17.01
CA VAL D 152 -18.10 -11.99 -15.61
C VAL D 152 -17.42 -13.36 -15.47
N ASP D 153 -17.97 -14.41 -16.09
CA ASP D 153 -17.30 -15.70 -16.10
C ASP D 153 -15.93 -15.60 -16.78
N ASP D 154 -15.89 -14.83 -17.87
CA ASP D 154 -14.67 -14.64 -18.62
C ASP D 154 -13.56 -14.02 -17.76
N ALA D 155 -13.91 -13.00 -16.99
CA ALA D 155 -12.92 -12.37 -16.10
C ALA D 155 -12.32 -13.39 -15.12
N PHE D 156 -13.18 -14.14 -14.45
CA PHE D 156 -12.67 -15.06 -13.44
C PHE D 156 -11.97 -16.25 -14.08
N TYR D 157 -12.49 -16.76 -15.21
CA TYR D 157 -11.81 -17.86 -15.89
C TYR D 157 -10.45 -17.45 -16.43
N THR D 158 -10.36 -16.25 -16.99
CA THR D 158 -9.09 -15.75 -17.50
C THR D 158 -8.06 -15.66 -16.38
N LEU D 159 -8.54 -15.34 -15.17
CA LEU D 159 -7.65 -15.23 -14.04
C LEU D 159 -7.10 -16.61 -13.67
N VAL D 160 -7.96 -17.61 -13.73
CA VAL D 160 -7.51 -18.97 -13.47
C VAL D 160 -6.43 -19.41 -14.51
N ARG D 161 -6.59 -19.00 -15.76
CA ARG D 161 -5.54 -19.28 -16.75
C ARG D 161 -4.23 -18.55 -16.47
N GLU D 162 -4.32 -17.32 -15.95
CA GLU D 162 -3.13 -16.58 -15.56
C GLU D 162 -2.39 -17.28 -14.45
N ILE D 163 -3.13 -17.73 -13.44
CA ILE D 163 -2.55 -18.53 -12.36
C ILE D 163 -1.84 -19.79 -12.87
N ARG D 164 -2.37 -20.40 -13.92
CA ARG D 164 -1.80 -21.62 -14.48
C ARG D 164 -0.56 -21.36 -15.35
N LYS D 165 -0.25 -20.08 -15.58
CA LYS D 165 0.94 -19.68 -16.31
C LYS D 165 2.17 -19.60 -15.41
N HIS D 166 1.91 -19.48 -14.11
CA HIS D 166 2.95 -19.35 -13.08
C HIS D 166 3.80 -18.09 -13.23
N GLY E 2 -23.83 -5.45 9.40
CA GLY E 2 -22.54 -6.06 9.67
C GLY E 2 -22.41 -7.44 9.06
N PRO E 3 -21.21 -8.05 9.14
CA PRO E 3 -20.93 -9.35 8.52
C PRO E 3 -21.57 -10.51 9.28
N ARG E 4 -21.92 -11.60 8.56
CA ARG E 4 -22.50 -12.79 9.17
C ARG E 4 -21.44 -13.88 9.37
N ARG E 5 -21.22 -14.23 10.63
CA ARG E 5 -20.27 -15.29 10.95
C ARG E 5 -20.85 -16.66 10.59
N PRO E 6 -20.09 -17.48 9.84
CA PRO E 6 -20.62 -18.79 9.50
C PRO E 6 -20.66 -19.70 10.72
N ARG E 7 -21.69 -20.52 10.79
CA ARG E 7 -21.79 -21.54 11.85
C ARG E 7 -20.67 -22.56 11.70
N SEC E 8 -20.14 -23.03 12.83
CA SEC E 8 -19.16 -24.11 12.89
C SEC E 8 -19.62 -25.27 12.07
N PRO E 9 -18.71 -25.84 11.29
CA PRO E 9 -19.12 -26.86 10.33
C PRO E 9 -19.54 -28.21 10.93
N GLY E 10 -19.04 -28.59 12.10
CA GLY E 10 -19.35 -29.93 12.61
C GLY E 10 -18.23 -30.91 12.35
N ASP E 11 -17.90 -31.72 13.36
CA ASP E 11 -16.68 -32.52 13.38
C ASP E 11 -16.56 -33.52 12.23
N GLN E 12 -17.70 -34.03 11.78
CA GLN E 12 -17.71 -35.01 10.69
C GLN E 12 -18.21 -34.41 9.38
N ALA E 13 -18.09 -33.09 9.23
CA ALA E 13 -18.50 -32.43 7.99
C ALA E 13 -17.81 -33.05 6.77
N SER E 14 -18.50 -33.06 5.63
CA SER E 14 -17.82 -33.43 4.37
C SER E 14 -16.68 -32.46 4.04
N LEU E 15 -15.73 -32.89 3.22
CA LEU E 15 -14.69 -31.97 2.76
C LEU E 15 -15.29 -30.80 2.00
N GLU E 16 -16.32 -31.07 1.20
CA GLU E 16 -16.91 -29.94 0.46
C GLU E 16 -17.61 -28.98 1.43
N GLU E 17 -18.21 -29.49 2.49
CA GLU E 17 -18.80 -28.60 3.49
C GLU E 17 -17.72 -27.79 4.22
N LEU E 18 -16.59 -28.44 4.55
CA LEU E 18 -15.46 -27.70 5.13
C LEU E 18 -14.92 -26.59 4.20
N HIS E 19 -14.82 -26.89 2.90
CA HIS E 19 -14.41 -25.87 1.94
C HIS E 19 -15.38 -24.70 1.88
N GLU E 20 -16.66 -25.02 1.85
CA GLU E 20 -17.67 -23.97 1.80
C GLU E 20 -17.56 -23.09 3.04
N TYR E 21 -17.39 -23.75 4.19
CA TYR E 21 -17.26 -23.03 5.44
C TYR E 21 -16.00 -22.14 5.41
N TRP E 22 -14.90 -22.72 4.94
CA TRP E 22 -13.62 -22.02 4.98
C TRP E 22 -13.70 -20.73 4.17
N ALA E 23 -14.32 -20.81 2.99
CA ALA E 23 -14.46 -19.65 2.11
C ALA E 23 -15.26 -18.54 2.80
N ARG E 24 -16.31 -18.96 3.50
CA ARG E 24 -17.12 -18.00 4.24
C ARG E 24 -16.30 -17.40 5.38
N LEU E 25 -15.49 -18.20 6.05
CA LEU E 25 -14.70 -17.69 7.19
C LEU E 25 -13.61 -16.72 6.72
N TRP E 26 -12.96 -17.06 5.61
CA TRP E 26 -12.00 -16.16 4.97
C TRP E 26 -12.60 -14.75 4.79
N ASN E 27 -13.84 -14.69 4.30
CA ASN E 27 -14.43 -13.39 4.02
C ASN E 27 -14.89 -12.70 5.29
N TYR E 28 -15.46 -13.48 6.21
CA TYR E 28 -15.93 -12.93 7.48
C TYR E 28 -14.76 -12.31 8.28
N LEU E 29 -13.65 -13.03 8.34
CA LEU E 29 -12.50 -12.55 9.10
C LEU E 29 -11.90 -11.33 8.44
N TYR E 30 -11.89 -11.31 7.11
CA TYR E 30 -11.39 -10.15 6.40
C TYR E 30 -12.23 -8.93 6.82
N ARG E 31 -13.54 -9.16 6.90
CA ARG E 31 -14.47 -8.06 7.21
C ARG E 31 -14.33 -7.53 8.63
N VAL E 32 -14.11 -8.41 9.60
CA VAL E 32 -14.06 -8.00 11.01
C VAL E 32 -12.67 -7.54 11.46
N ALA E 33 -11.64 -7.85 10.68
CA ALA E 33 -10.26 -7.58 11.08
C ALA E 33 -9.99 -6.08 11.16
N ARG F 5 -3.81 -33.27 11.82
CA ARG F 5 -5.14 -33.89 11.88
C ARG F 5 -6.20 -32.88 11.48
N ARG F 6 -7.47 -33.30 11.51
CA ARG F 6 -8.56 -32.36 11.26
C ARG F 6 -8.75 -31.47 12.47
N PRO F 7 -8.68 -30.14 12.29
CA PRO F 7 -8.82 -29.22 13.42
C PRO F 7 -10.26 -29.18 13.92
N ARG F 8 -10.45 -28.82 15.19
CA ARG F 8 -11.79 -28.65 15.75
C ARG F 8 -12.18 -27.17 15.72
N SEC F 9 -13.39 -26.86 15.28
CA SEC F 9 -13.86 -25.48 15.27
C SEC F 9 -13.95 -25.05 16.69
N PRO F 10 -13.36 -23.89 17.03
CA PRO F 10 -13.23 -23.47 18.44
C PRO F 10 -14.54 -23.01 19.08
N GLY F 11 -15.66 -23.12 18.37
CA GLY F 11 -16.95 -22.81 18.97
C GLY F 11 -17.63 -21.63 18.30
N ASP F 12 -18.95 -21.61 18.34
CA ASP F 12 -19.72 -20.51 17.76
C ASP F 12 -19.58 -19.21 18.58
N ASN F 13 -18.99 -19.33 19.77
CA ASN F 13 -18.68 -18.19 20.62
C ASN F 13 -17.21 -17.85 20.61
N ALA F 14 -16.47 -18.42 19.67
CA ALA F 14 -15.03 -18.22 19.59
C ALA F 14 -14.64 -16.75 19.44
N SER F 15 -13.48 -16.40 19.99
CA SER F 15 -12.90 -15.09 19.79
C SER F 15 -12.42 -15.00 18.37
N ILE F 16 -12.21 -13.79 17.88
CA ILE F 16 -11.68 -13.66 16.53
C ILE F 16 -10.27 -14.26 16.46
N LYS F 17 -9.44 -14.07 17.48
CA LYS F 17 -8.10 -14.66 17.45
C LYS F 17 -8.16 -16.21 17.32
N GLN F 18 -9.12 -16.82 18.01
CA GLN F 18 -9.33 -18.27 17.92
C GLN F 18 -9.81 -18.70 16.53
N LEU F 19 -10.75 -17.92 15.97
CA LEU F 19 -11.24 -18.22 14.61
C LEU F 19 -10.16 -18.01 13.58
N HIS F 20 -9.30 -16.99 13.79
CA HIS F 20 -8.19 -16.83 12.87
C HIS F 20 -7.25 -18.05 12.89
N ALA F 21 -6.96 -18.55 14.09
CA ALA F 21 -6.15 -19.77 14.21
C ALA F 21 -6.82 -20.99 13.52
N TYR F 22 -8.11 -21.14 13.74
CA TYR F 22 -8.86 -22.23 13.09
C TYR F 22 -8.84 -22.09 11.56
N TRP F 23 -9.02 -20.86 11.08
CA TRP F 23 -8.91 -20.57 9.64
C TRP F 23 -7.56 -21.03 9.05
N GLN F 24 -6.47 -20.80 9.79
CA GLN F 24 -5.16 -21.25 9.33
C GLN F 24 -5.05 -22.77 9.32
N ARG F 25 -5.46 -23.39 10.43
CA ARG F 25 -5.41 -24.84 10.55
C ARG F 25 -6.32 -25.57 9.57
N LEU F 26 -7.48 -24.99 9.30
CA LEU F 26 -8.41 -25.64 8.39
C LEU F 26 -7.86 -25.53 6.96
N TYR F 27 -7.22 -24.40 6.65
CA TYR F 27 -6.55 -24.27 5.36
C TYR F 27 -5.49 -25.38 5.19
N ALA F 28 -4.73 -25.61 6.25
CA ALA F 28 -3.62 -26.54 6.18
C ALA F 28 -4.16 -27.95 6.04
N TYR F 29 -5.21 -28.21 6.80
CA TYR F 29 -5.88 -29.52 6.70
C TYR F 29 -6.41 -29.74 5.29
N LEU F 30 -7.18 -28.78 4.77
CA LEU F 30 -7.80 -28.94 3.46
C LEU F 30 -6.77 -29.05 2.32
N ALA F 31 -5.62 -28.40 2.49
CA ALA F 31 -4.58 -28.49 1.47
C ALA F 31 -3.91 -29.86 1.51
N ALA F 32 -3.90 -30.49 2.69
CA ALA F 32 -3.20 -31.76 2.91
C ALA F 32 -4.02 -32.98 2.52
N VAL F 33 -5.35 -32.90 2.63
CA VAL F 33 -6.19 -34.03 2.20
C VAL F 33 -6.50 -33.89 0.70
N ALA F 34 -5.49 -33.43 -0.04
CA ALA F 34 -5.54 -33.18 -1.48
C ALA F 34 -6.51 -32.06 -1.84
PG GNP G . 7.18 13.79 -7.62
O1G GNP G . 6.14 12.89 -7.01
O2G GNP G . 8.55 13.57 -7.07
O3G GNP G . 7.08 13.57 -9.13
N3B GNP G . 6.75 15.35 -7.41
PB GNP G . 6.85 16.21 -6.05
O1B GNP G . 5.78 15.95 -5.10
O2B GNP G . 8.25 16.10 -5.58
O3A GNP G . 6.59 17.73 -6.43
PA GNP G . 7.60 18.78 -6.92
O1A GNP G . 8.33 18.22 -8.11
O2A GNP G . 8.43 19.41 -5.87
O5' GNP G . 6.66 19.96 -7.44
C5' GNP G . 5.80 19.73 -8.56
C4' GNP G . 5.42 21.03 -9.23
O4' GNP G . 4.67 21.82 -8.28
C3' GNP G . 6.58 21.91 -9.66
O3' GNP G . 6.18 22.73 -10.76
C2' GNP G . 6.78 22.78 -8.44
O2' GNP G . 7.41 24.01 -8.73
C1' GNP G . 5.34 23.04 -8.07
N9 GNP G . 5.16 23.38 -6.65
C8 GNP G . 5.66 22.67 -5.58
N7 GNP G . 5.31 23.19 -4.44
C5 GNP G . 4.56 24.32 -4.77
C6 GNP G . 3.90 25.29 -3.96
O6 GNP G . 3.83 25.39 -2.73
N1 GNP G . 3.23 26.22 -4.73
C2 GNP G . 3.19 26.25 -6.11
N2 GNP G . 2.49 27.28 -6.62
N3 GNP G . 3.80 25.37 -6.89
C4 GNP G . 4.44 24.43 -6.14
MG MG H . 9.88 14.88 -6.14
O1 PG4 I . 5.18 -5.12 5.46
C1 PG4 I . 5.03 -4.56 4.15
C2 PG4 I . 5.37 -3.12 4.20
O2 PG4 I . 4.78 -2.39 3.10
C3 PG4 I . 3.87 -1.31 3.47
C4 PG4 I . 3.19 -0.53 2.31
O3 PG4 I . 1.84 -0.92 2.18
C5 PG4 I . 1.29 -0.89 0.84
C6 PG4 I . 0.24 -1.96 0.57
O4 PG4 I . 0.83 -3.24 0.24
C7 PG4 I . 0.25 -4.37 0.92
C8 PG4 I . 1.35 -5.28 1.42
O5 PG4 I . 1.06 -5.96 2.63
S SO4 J . 30.57 -2.46 16.11
O1 SO4 J . 30.20 -3.86 16.02
O2 SO4 J . 29.39 -1.62 15.89
O3 SO4 J . 31.56 -2.17 15.07
O4 SO4 J . 31.18 -2.20 17.42
S SO4 K . 35.01 -2.93 6.41
O1 SO4 K . 33.86 -2.27 5.79
O2 SO4 K . 34.62 -4.23 6.94
O3 SO4 K . 35.51 -2.10 7.49
O4 SO4 K . 36.07 -3.12 5.41
PG GNP L . -17.06 -1.34 -1.56
O1G GNP L . -17.28 -2.69 -0.96
O2G GNP L . -17.76 -0.26 -0.77
O3G GNP L . -15.59 -1.17 -1.82
N3B GNP L . -17.79 -1.33 -3.00
PB GNP L . -17.92 -2.51 -4.08
O1B GNP L . -18.20 -3.84 -3.48
O2B GNP L . -16.73 -2.40 -4.96
O3A GNP L . -19.11 -2.15 -5.01
PA GNP L . -20.57 -2.65 -4.98
O1A GNP L . -20.66 -4.06 -5.41
O2A GNP L . -21.16 -2.34 -3.65
O5' GNP L . -21.36 -1.83 -6.06
C5' GNP L . -21.39 -0.41 -5.91
C4' GNP L . -22.66 0.11 -6.56
O4' GNP L . -22.54 -0.06 -7.99
C3' GNP L . -23.97 -0.58 -6.18
O3' GNP L . -25.04 0.37 -6.29
C2' GNP L . -24.11 -1.67 -7.25
O2' GNP L . -25.43 -2.13 -7.48
C1' GNP L . -23.56 -0.93 -8.46
N9 GNP L . -22.95 -1.80 -9.45
C8 GNP L . -21.95 -2.72 -9.24
N7 GNP L . -21.57 -3.32 -10.33
C5 GNP L . -22.38 -2.77 -11.33
C6 GNP L . -22.43 -3.02 -12.72
O6 GNP L . -21.74 -3.83 -13.36
N1 GNP L . -23.40 -2.24 -13.37
C2 GNP L . -24.20 -1.32 -12.73
N2 GNP L . -25.07 -0.64 -13.50
N3 GNP L . -24.15 -1.06 -11.43
C4 GNP L . -23.23 -1.82 -10.80
MG MG M . -18.23 -4.46 -1.50
#